data_6BX5
#
_entry.id   6BX5
#
_cell.length_a   105.441
_cell.length_b   105.441
_cell.length_c   183.015
_cell.angle_alpha   90.000
_cell.angle_beta   90.000
_cell.angle_gamma   90.000
#
_symmetry.space_group_name_H-M   'P 41 21 2'
#
loop_
_entity.id
_entity.type
_entity.pdbx_description
1 polymer 'Putative fluoride ion transporter CrcB'
2 polymer 'Monobody S12'
3 non-polymer 'FLUORIDE ION'
4 non-polymer 'SODIUM ION'
5 water water
#
loop_
_entity_poly.entity_id
_entity_poly.type
_entity_poly.pdbx_seq_one_letter_code
_entity_poly.pdbx_strand_id
1 'polypeptide(L)'
;MIKSLFAVIIGGSVGCTLRWLLSTKFNSLFPNLPPGTLVVNLLAGLIIGTALAYFLRQPHLDPFWKLMITTGLCGGLSTF
STFSVEVFALLQAGNYIWALTSVLVHVIGSLIMTALGFFIITILF
;
A,B
2 'polypeptide(L)'
;SVSSVPTKLEVVAATPTSLLISWDAPAVTVIFYVITYGETGGNSPVQEFTVPGSKSTATISGLKPGVDYTITVYATYYAS
NSGWYEYGSPISINYRT
;
C,D
#
loop_
_chem_comp.id
_chem_comp.type
_chem_comp.name
_chem_comp.formula
F non-polymer 'FLUORIDE ION' 'F -1'
NA non-polymer 'SODIUM ION' 'Na 1'
#
# COMPACT_ATOMS: atom_id res chain seq x y z
N MET A 1 -1.84 -23.10 13.50
CA MET A 1 -1.10 -22.37 14.56
C MET A 1 -2.04 -21.30 15.06
N ILE A 2 -2.88 -21.69 16.01
CA ILE A 2 -4.01 -20.87 16.48
C ILE A 2 -3.48 -19.71 17.33
N LYS A 3 -2.32 -19.88 17.99
CA LYS A 3 -1.72 -18.80 18.76
C LYS A 3 -1.34 -17.65 17.81
N SER A 4 -0.81 -18.01 16.64
CA SER A 4 -0.40 -17.04 15.62
C SER A 4 -1.63 -16.38 14.99
N LEU A 5 -2.61 -17.19 14.60
CA LEU A 5 -3.90 -16.70 14.10
C LEU A 5 -4.46 -15.62 15.02
N PHE A 6 -4.53 -15.88 16.31
CA PHE A 6 -4.96 -14.86 17.26
C PHE A 6 -4.15 -13.58 17.21
N ALA A 7 -2.85 -13.68 16.99
CA ALA A 7 -1.99 -12.47 16.87
C ALA A 7 -2.31 -11.63 15.62
N VAL A 8 -2.53 -12.28 14.49
CA VAL A 8 -2.85 -11.59 13.24
C VAL A 8 -4.24 -10.93 13.40
N ILE A 9 -5.21 -11.67 13.97
CA ILE A 9 -6.58 -11.18 14.19
C ILE A 9 -6.67 -10.01 15.18
N ILE A 10 -6.04 -10.13 16.34
CA ILE A 10 -6.12 -9.09 17.38
C ILE A 10 -5.39 -7.83 16.89
N GLY A 11 -4.21 -8.05 16.33
CA GLY A 11 -3.40 -6.97 15.79
C GLY A 11 -4.01 -6.33 14.58
N GLY A 12 -4.47 -7.16 13.65
CA GLY A 12 -5.15 -6.68 12.45
C GLY A 12 -6.43 -5.96 12.74
N SER A 13 -7.20 -6.45 13.67
CA SER A 13 -8.39 -5.78 14.05
C SER A 13 -8.06 -4.42 14.62
N VAL A 14 -7.08 -4.34 15.50
CA VAL A 14 -6.69 -3.03 16.01
C VAL A 14 -6.23 -2.10 14.85
N GLY A 15 -5.49 -2.66 13.90
CA GLY A 15 -4.98 -1.86 12.80
C GLY A 15 -6.06 -1.31 11.90
N CYS A 16 -6.97 -2.20 11.51
CA CYS A 16 -8.09 -1.88 10.65
C CYS A 16 -9.00 -0.88 11.33
N THR A 17 -9.31 -1.05 12.61
CA THR A 17 -10.15 -0.09 13.31
C THR A 17 -9.47 1.27 13.35
N LEU A 18 -8.17 1.30 13.53
CA LEU A 18 -7.49 2.58 13.53
C LEU A 18 -7.57 3.27 12.19
N ARG A 19 -7.40 2.49 11.13
CA ARG A 19 -7.43 2.95 9.74
C ARG A 19 -8.79 3.55 9.49
N TRP A 20 -9.82 2.83 9.92
CA TRP A 20 -11.18 3.26 9.76
C TRP A 20 -11.46 4.62 10.42
N LEU A 21 -11.05 4.75 11.67
CA LEU A 21 -11.29 5.98 12.40
C LEU A 21 -10.56 7.11 11.73
N LEU A 22 -9.29 6.91 11.45
CA LEU A 22 -8.48 7.99 10.89
C LEU A 22 -8.94 8.34 9.46
N SER A 23 -9.29 7.33 8.70
CA SER A 23 -9.71 7.55 7.34
C SER A 23 -11.07 8.28 7.27
N THR A 24 -12.08 7.85 8.01
CA THR A 24 -13.37 8.52 7.98
C THR A 24 -13.31 9.97 8.55
N LYS A 25 -12.55 10.17 9.62
CA LYS A 25 -12.51 11.49 10.27
C LYS A 25 -11.68 12.47 9.48
N PHE A 26 -10.75 12.06 8.64
CA PHE A 26 -9.88 13.00 8.01
C PHE A 26 -9.80 13.02 6.49
N ASN A 27 -10.24 11.97 5.81
CA ASN A 27 -10.06 11.90 4.37
C ASN A 27 -10.78 13.03 3.61
N SER A 28 -11.95 13.43 4.08
CA SER A 28 -12.68 14.54 3.46
C SER A 28 -11.94 15.85 3.47
N LEU A 29 -11.02 16.04 4.41
CA LEU A 29 -10.26 17.29 4.49
C LEU A 29 -9.49 17.71 3.24
N PHE A 30 -9.13 16.80 2.35
CA PHE A 30 -8.32 17.16 1.21
C PHE A 30 -8.46 15.98 0.25
N PRO A 31 -9.38 16.07 -0.71
CA PRO A 31 -9.66 14.82 -1.37
C PRO A 31 -8.77 14.47 -2.55
N ASN A 32 -7.86 15.37 -2.91
CA ASN A 32 -6.80 14.96 -3.87
C ASN A 32 -5.69 14.07 -3.33
N LEU A 33 -5.53 14.07 -2.03
CA LEU A 33 -4.57 13.20 -1.35
C LEU A 33 -5.15 13.03 0.02
N PRO A 34 -6.10 12.11 0.16
CA PRO A 34 -6.78 11.96 1.45
C PRO A 34 -5.81 11.83 2.63
N PRO A 35 -5.88 12.78 3.58
CA PRO A 35 -4.91 12.77 4.68
C PRO A 35 -4.98 11.55 5.58
N GLY A 36 -6.16 10.99 5.79
CA GLY A 36 -6.29 9.82 6.65
C GLY A 36 -5.60 8.60 6.07
N THR A 37 -5.78 8.38 4.79
CA THR A 37 -5.19 7.24 4.14
C THR A 37 -3.69 7.43 4.13
N LEU A 38 -3.23 8.67 3.95
CA LEU A 38 -1.79 8.95 3.89
C LEU A 38 -1.22 8.71 5.26
N VAL A 39 -1.83 9.32 6.26
CA VAL A 39 -1.36 9.17 7.62
C VAL A 39 -1.29 7.72 8.06
N VAL A 40 -2.22 6.86 7.73
CA VAL A 40 -2.11 5.47 8.23
C VAL A 40 -0.93 4.78 7.58
N ASN A 41 -0.64 5.12 6.34
CA ASN A 41 0.46 4.48 5.63
C ASN A 41 1.78 4.99 6.20
N LEU A 42 1.87 6.29 6.45
CA LEU A 42 3.01 6.92 7.09
C LEU A 42 3.27 6.38 8.48
N LEU A 43 2.22 6.29 9.26
CA LEU A 43 2.32 5.85 10.63
C LEU A 43 2.71 4.39 10.67
N ALA A 44 2.15 3.57 9.80
CA ALA A 44 2.46 2.12 9.81
C ALA A 44 3.90 1.90 9.37
N GLY A 45 4.41 2.75 8.49
CA GLY A 45 5.83 2.81 8.21
C GLY A 45 6.67 3.15 9.43
N LEU A 46 6.28 4.20 10.14
CA LEU A 46 7.03 4.59 11.33
C LEU A 46 7.03 3.43 12.26
N ILE A 47 5.85 2.91 12.57
CA ILE A 47 5.72 1.82 13.54
C ILE A 47 6.54 0.61 13.12
N ILE A 48 6.39 0.17 11.88
CA ILE A 48 7.06 -1.04 11.47
C ILE A 48 8.58 -0.89 11.45
N GLY A 49 9.08 0.22 10.95
CA GLY A 49 10.53 0.49 11.06
C GLY A 49 11.11 0.41 12.49
N THR A 50 10.39 0.97 13.47
CA THR A 50 10.93 1.01 14.80
C THR A 50 10.81 -0.40 15.33
N ALA A 51 9.69 -1.05 15.08
CA ALA A 51 9.52 -2.44 15.53
C ALA A 51 10.55 -3.40 14.93
N LEU A 52 10.82 -3.28 13.62
CA LEU A 52 11.80 -4.17 13.01
C LEU A 52 13.17 -4.06 13.63
N ALA A 53 13.59 -2.81 13.84
CA ALA A 53 14.86 -2.51 14.45
C ALA A 53 14.89 -2.97 15.89
N TYR A 54 13.86 -2.64 16.61
CA TYR A 54 13.71 -3.19 17.96
C TYR A 54 13.80 -4.74 18.03
N PHE A 55 13.15 -5.44 17.12
CA PHE A 55 13.22 -6.90 17.16
C PHE A 55 14.61 -7.40 16.82
N LEU A 56 15.41 -6.66 16.06
CA LEU A 56 16.79 -7.08 15.84
C LEU A 56 17.68 -6.98 17.06
N ARG A 57 17.26 -6.17 18.02
CA ARG A 57 17.95 -5.99 19.24
C ARG A 57 17.39 -6.90 20.34
N GLN A 58 16.40 -7.72 20.06
CA GLN A 58 15.68 -8.46 21.10
C GLN A 58 15.47 -9.78 20.47
N PRO A 59 16.53 -10.53 20.29
CA PRO A 59 16.29 -11.70 19.52
C PRO A 59 15.66 -12.82 20.38
N HIS A 60 15.08 -12.54 21.55
CA HIS A 60 14.32 -13.63 22.15
C HIS A 60 12.87 -13.33 22.27
N LEU A 61 12.43 -12.28 21.59
CA LEU A 61 11.06 -11.80 21.69
C LEU A 61 10.18 -12.80 20.98
N ASP A 62 9.11 -13.24 21.64
CA ASP A 62 8.28 -14.31 21.05
C ASP A 62 7.78 -13.87 19.64
N PRO A 63 7.89 -14.77 18.61
CA PRO A 63 7.28 -14.40 17.31
C PRO A 63 5.76 -14.03 17.34
N PHE A 64 5.00 -14.45 18.36
CA PHE A 64 3.67 -13.99 18.61
C PHE A 64 3.62 -12.45 18.60
N TRP A 65 4.40 -11.78 19.42
CA TRP A 65 4.33 -10.30 19.44
C TRP A 65 4.79 -9.67 18.14
N LYS A 66 5.74 -10.29 17.48
CA LYS A 66 6.29 -9.75 16.26
C LYS A 66 5.26 -9.83 15.17
N LEU A 67 4.62 -11.01 15.11
CA LEU A 67 3.45 -11.25 14.28
C LEU A 67 2.28 -10.27 14.52
N MET A 68 1.93 -10.04 15.77
CA MET A 68 0.89 -9.06 16.11
C MET A 68 1.22 -7.66 15.62
N ILE A 69 2.50 -7.25 15.69
CA ILE A 69 2.87 -5.87 15.38
C ILE A 69 2.99 -5.65 13.87
N THR A 70 3.47 -6.65 13.15
CA THR A 70 3.80 -6.49 11.72
C THR A 70 2.67 -6.96 10.84
N THR A 71 2.42 -8.24 10.85
CA THR A 71 1.41 -8.79 10.00
C THR A 71 0.01 -8.35 10.42
N GLY A 72 -0.19 -8.04 11.68
CA GLY A 72 -1.50 -7.71 12.20
C GLY A 72 -1.63 -6.22 12.23
N LEU A 73 -1.08 -5.55 13.26
CA LEU A 73 -1.22 -4.12 13.40
C LEU A 73 -0.86 -3.30 12.14
N CYS A 74 0.40 -3.34 11.75
CA CYS A 74 0.83 -2.56 10.63
C CYS A 74 0.17 -2.98 9.37
N GLY A 75 -0.10 -4.26 9.22
CA GLY A 75 -0.65 -4.78 7.97
C GLY A 75 -2.11 -4.38 7.86
N GLY A 76 -2.84 -4.47 8.94
CA GLY A 76 -4.20 -3.94 9.00
C GLY A 76 -4.30 -2.45 9.00
N LEU A 77 -3.35 -1.74 9.53
CA LEU A 77 -3.40 -0.28 9.54
C LEU A 77 -3.12 0.31 8.17
N SER A 78 -2.15 -0.24 7.46
CA SER A 78 -1.71 0.31 6.18
C SER A 78 -2.64 -0.26 5.15
N THR A 79 -2.62 0.27 3.92
CA THR A 79 -3.60 -0.16 2.92
C THR A 79 -3.06 0.19 1.56
N PHE A 80 -3.09 -0.83 0.68
CA PHE A 80 -2.70 -0.63 -0.68
C PHE A 80 -3.91 -0.45 -1.56
N SER A 81 -4.94 -1.22 -1.26
CA SER A 81 -6.17 -1.23 -2.05
C SER A 81 -6.81 0.16 -1.95
N THR A 82 -6.96 0.71 -0.74
CA THR A 82 -7.47 2.06 -0.64
C THR A 82 -6.66 3.11 -1.40
N PHE A 83 -5.35 3.06 -1.21
CA PHE A 83 -4.44 3.93 -1.96
C PHE A 83 -4.62 3.81 -3.46
N SER A 84 -4.81 2.59 -3.94
CA SER A 84 -4.82 2.38 -5.37
C SER A 84 -6.09 2.96 -5.97
N VAL A 85 -7.19 2.77 -5.25
CA VAL A 85 -8.48 3.24 -5.69
C VAL A 85 -8.51 4.78 -5.76
N GLU A 86 -8.08 5.42 -4.67
CA GLU A 86 -7.88 6.87 -4.64
C GLU A 86 -7.17 7.39 -5.91
N VAL A 87 -6.10 6.71 -6.29
CA VAL A 87 -5.29 7.08 -7.42
C VAL A 87 -6.03 6.79 -8.70
N PHE A 88 -6.62 5.60 -8.77
CA PHE A 88 -7.45 5.18 -9.90
C PHE A 88 -8.53 6.23 -10.19
N ALA A 89 -9.17 6.67 -9.11
CA ALA A 89 -10.26 7.64 -9.18
C ALA A 89 -9.78 8.95 -9.72
N LEU A 90 -8.65 9.42 -9.23
CA LEU A 90 -8.07 10.59 -9.79
C LEU A 90 -7.68 10.39 -11.26
N LEU A 91 -7.30 9.18 -11.67
CA LEU A 91 -7.08 8.95 -13.09
C LEU A 91 -8.38 9.06 -13.83
N GLN A 92 -9.41 8.36 -13.36
CA GLN A 92 -10.73 8.46 -13.90
C GLN A 92 -11.20 9.93 -14.01
N ALA A 93 -10.82 10.78 -13.06
CA ALA A 93 -11.25 12.17 -13.05
C ALA A 93 -10.36 13.04 -13.92
N GLY A 94 -9.44 12.38 -14.63
CA GLY A 94 -8.39 13.03 -15.40
C GLY A 94 -7.41 13.87 -14.60
N ASN A 95 -7.40 13.76 -13.28
CA ASN A 95 -6.54 14.60 -12.48
C ASN A 95 -5.18 13.90 -12.34
N TYR A 96 -4.39 13.93 -13.44
CA TYR A 96 -3.10 13.15 -13.54
C TYR A 96 -2.01 13.66 -12.61
N ILE A 97 -2.03 14.94 -12.32
CA ILE A 97 -0.95 15.56 -11.57
C ILE A 97 -1.03 15.05 -10.12
N TRP A 98 -2.24 14.95 -9.59
CA TRP A 98 -2.39 14.46 -8.24
C TRP A 98 -2.37 12.96 -8.16
N ALA A 99 -2.67 12.30 -9.26
CA ALA A 99 -2.51 10.84 -9.32
C ALA A 99 -1.05 10.48 -9.09
N LEU A 100 -0.16 11.10 -9.89
CA LEU A 100 1.28 11.02 -9.75
C LEU A 100 1.79 11.47 -8.35
N THR A 101 1.43 12.67 -7.90
CA THR A 101 1.82 13.13 -6.56
C THR A 101 1.39 12.16 -5.48
N SER A 102 0.20 11.62 -5.58
CA SER A 102 -0.27 10.68 -4.59
C SER A 102 0.63 9.41 -4.48
N VAL A 103 1.11 8.85 -5.60
CA VAL A 103 1.99 7.67 -5.47
C VAL A 103 3.37 8.08 -4.96
N LEU A 104 3.87 9.27 -5.36
CA LEU A 104 5.15 9.71 -4.87
C LEU A 104 5.11 9.88 -3.37
N VAL A 105 4.11 10.62 -2.90
CA VAL A 105 3.97 10.91 -1.46
C VAL A 105 3.68 9.66 -0.64
N HIS A 106 2.88 8.75 -1.17
CA HIS A 106 2.68 7.47 -0.40
C HIS A 106 3.93 6.60 -0.38
N VAL A 107 4.60 6.36 -1.53
CA VAL A 107 5.72 5.42 -1.51
C VAL A 107 6.95 6.07 -0.86
N ILE A 108 7.25 7.31 -1.27
CA ILE A 108 8.44 7.98 -0.79
C ILE A 108 8.19 8.37 0.66
N GLY A 109 6.98 8.83 0.94
CA GLY A 109 6.64 9.09 2.34
C GLY A 109 6.88 7.90 3.25
N SER A 110 6.35 6.74 2.88
CA SER A 110 6.43 5.55 3.75
C SER A 110 7.82 5.00 3.88
N LEU A 111 8.65 5.11 2.82
CA LEU A 111 10.03 4.72 2.92
C LEU A 111 10.74 5.65 3.92
N ILE A 112 10.60 6.96 3.77
CA ILE A 112 11.22 7.88 4.74
C ILE A 112 10.80 7.48 6.15
N MET A 113 9.52 7.18 6.37
CA MET A 113 9.05 6.87 7.74
C MET A 113 9.53 5.56 8.29
N THR A 114 9.60 4.55 7.43
CA THR A 114 10.16 3.25 7.82
C THR A 114 11.65 3.38 8.13
N ALA A 115 12.40 4.13 7.30
CA ALA A 115 13.76 4.37 7.54
C ALA A 115 13.92 5.17 8.82
N LEU A 116 13.14 6.23 9.02
CA LEU A 116 13.26 7.07 10.23
C LEU A 116 12.97 6.21 11.44
N GLY A 117 11.94 5.38 11.39
CA GLY A 117 11.67 4.48 12.48
C GLY A 117 12.80 3.52 12.84
N PHE A 118 13.36 2.90 11.82
CA PHE A 118 14.49 1.97 11.94
C PHE A 118 15.79 2.69 12.40
N PHE A 119 16.10 3.84 11.80
CA PHE A 119 17.34 4.54 12.15
C PHE A 119 17.26 5.34 13.43
N ILE A 120 16.11 5.85 13.86
CA ILE A 120 16.03 6.56 15.17
C ILE A 120 16.15 5.59 16.32
N ILE A 121 15.99 4.30 16.06
CA ILE A 121 16.23 3.28 17.07
C ILE A 121 17.66 2.76 17.00
N THR A 122 18.20 2.72 15.77
CA THR A 122 19.61 2.33 15.50
C THR A 122 20.58 3.37 16.07
N ILE A 123 20.34 4.66 15.84
CA ILE A 123 21.11 5.73 16.52
C ILE A 123 20.94 5.66 18.07
N LEU A 124 19.73 5.32 18.55
CA LEU A 124 19.49 5.13 20.01
C LEU A 124 20.25 3.94 20.71
N PHE A 125 20.62 2.88 19.97
CA PHE A 125 21.53 1.83 20.49
C PHE A 125 22.95 2.06 19.91
N MET B 1 -22.58 2.80 15.20
CA MET B 1 -21.13 2.79 15.61
C MET B 1 -20.61 1.35 15.72
N ILE B 2 -21.18 0.55 16.63
CA ILE B 2 -20.73 -0.81 16.88
C ILE B 2 -21.04 -1.73 15.69
N LYS B 3 -22.12 -1.45 14.94
CA LYS B 3 -22.42 -2.26 13.75
C LYS B 3 -21.31 -2.09 12.71
N SER B 4 -20.83 -0.86 12.56
CA SER B 4 -19.72 -0.59 11.61
C SER B 4 -18.41 -1.22 12.08
N LEU B 5 -18.07 -0.99 13.36
CA LEU B 5 -16.92 -1.62 14.00
C LEU B 5 -16.88 -3.12 13.73
N PHE B 6 -18.00 -3.82 13.93
CA PHE B 6 -18.07 -5.23 13.58
C PHE B 6 -17.72 -5.51 12.12
N ALA B 7 -18.16 -4.66 11.22
CA ALA B 7 -17.88 -4.85 9.78
C ALA B 7 -16.37 -4.75 9.44
N VAL B 8 -15.71 -3.74 10.00
CA VAL B 8 -14.29 -3.54 9.74
C VAL B 8 -13.51 -4.71 10.39
N ILE B 9 -13.90 -5.10 11.60
CA ILE B 9 -13.21 -6.21 12.31
C ILE B 9 -13.39 -7.58 11.66
N ILE B 10 -14.60 -7.95 11.28
CA ILE B 10 -14.85 -9.27 10.69
C ILE B 10 -14.17 -9.34 9.31
N GLY B 11 -14.38 -8.27 8.55
CA GLY B 11 -13.78 -8.14 7.23
C GLY B 11 -12.25 -8.05 7.27
N GLY B 12 -11.75 -7.19 8.15
CA GLY B 12 -10.32 -7.00 8.34
C GLY B 12 -9.62 -8.24 8.87
N SER B 13 -10.26 -8.94 9.79
CA SER B 13 -9.70 -10.16 10.28
C SER B 13 -9.60 -11.15 9.17
N VAL B 14 -10.63 -11.31 8.38
CA VAL B 14 -10.54 -12.23 7.25
C VAL B 14 -9.39 -11.80 6.27
N GLY B 15 -9.28 -10.49 6.04
CA GLY B 15 -8.31 -9.99 5.11
C GLY B 15 -6.88 -10.23 5.55
N CYS B 16 -6.62 -9.90 6.81
CA CYS B 16 -5.33 -10.06 7.44
C CYS B 16 -4.94 -11.52 7.48
N THR B 17 -5.84 -12.41 7.88
CA THR B 17 -5.52 -13.83 7.89
C THR B 17 -5.19 -14.32 6.49
N LEU B 18 -5.88 -13.84 5.49
CA LEU B 18 -5.57 -14.29 4.14
C LEU B 18 -4.18 -13.86 3.71
N ARG B 19 -3.85 -12.61 4.06
CA ARG B 19 -2.57 -12.01 3.76
C ARG B 19 -1.48 -12.85 4.41
N TRP B 20 -1.71 -13.18 5.65
CA TRP B 20 -0.78 -13.96 6.43
C TRP B 20 -0.50 -15.35 5.84
N LEU B 21 -1.55 -16.05 5.47
CA LEU B 21 -1.41 -17.40 4.91
C LEU B 21 -0.64 -17.30 3.60
N LEU B 22 -1.08 -16.39 2.73
CA LEU B 22 -0.46 -16.29 1.42
C LEU B 22 0.96 -15.77 1.51
N SER B 23 1.19 -14.84 2.41
CA SER B 23 2.50 -14.25 2.57
C SER B 23 3.50 -15.28 3.12
N THR B 24 3.17 -15.97 4.20
CA THR B 24 4.10 -16.96 4.77
C THR B 24 4.37 -18.13 3.82
N LYS B 25 3.33 -18.63 3.13
CA LYS B 25 3.49 -19.77 2.20
C LYS B 25 4.33 -19.47 1.00
N PHE B 26 4.21 -18.26 0.48
CA PHE B 26 4.76 -17.97 -0.85
C PHE B 26 5.85 -16.91 -0.93
N ASN B 27 6.06 -16.08 0.08
CA ASN B 27 7.03 -15.00 -0.06
C ASN B 27 8.47 -15.48 -0.25
N SER B 28 8.84 -16.59 0.38
CA SER B 28 10.20 -17.12 0.22
C SER B 28 10.49 -17.57 -1.20
N LEU B 29 9.45 -17.90 -1.97
CA LEU B 29 9.64 -18.33 -3.35
C LEU B 29 10.40 -17.37 -4.27
N PHE B 30 10.47 -16.09 -4.00
CA PHE B 30 11.15 -15.15 -4.90
C PHE B 30 11.36 -13.91 -4.06
N PRO B 31 12.54 -13.79 -3.44
CA PRO B 31 12.55 -12.79 -2.40
C PRO B 31 12.85 -11.37 -2.85
N ASN B 32 13.20 -11.17 -4.11
CA ASN B 32 13.27 -9.78 -4.63
C ASN B 32 11.92 -9.10 -4.93
N LEU B 33 10.86 -9.89 -5.08
CA LEU B 33 9.50 -9.35 -5.21
C LEU B 33 8.64 -10.46 -4.64
N PRO B 34 8.51 -10.47 -3.31
CA PRO B 34 7.77 -11.56 -2.67
C PRO B 34 6.39 -11.82 -3.28
N PRO B 35 6.16 -13.03 -3.81
CA PRO B 35 4.88 -13.30 -4.51
C PRO B 35 3.65 -13.19 -3.64
N GLY B 36 3.73 -13.56 -2.37
CA GLY B 36 2.57 -13.49 -1.50
C GLY B 36 2.11 -12.04 -1.26
N THR B 37 3.07 -11.16 -1.02
CA THR B 37 2.76 -9.81 -0.76
C THR B 37 2.22 -9.17 -2.03
N LEU B 38 2.75 -9.58 -3.18
CA LEU B 38 2.29 -9.02 -4.47
C LEU B 38 0.90 -9.51 -4.72
N VAL B 39 0.72 -10.82 -4.61
CA VAL B 39 -0.59 -11.39 -4.83
C VAL B 39 -1.67 -10.74 -3.97
N VAL B 40 -1.43 -10.46 -2.69
CA VAL B 40 -2.53 -9.93 -1.88
C VAL B 40 -2.88 -8.54 -2.33
N ASN B 41 -1.88 -7.79 -2.80
CA ASN B 41 -2.14 -6.41 -3.22
C ASN B 41 -2.90 -6.41 -4.51
N LEU B 42 -2.48 -7.27 -5.44
CA LEU B 42 -3.17 -7.43 -6.72
C LEU B 42 -4.60 -7.96 -6.55
N LEU B 43 -4.76 -8.95 -5.70
CA LEU B 43 -6.04 -9.52 -5.46
C LEU B 43 -6.98 -8.51 -4.80
N ALA B 44 -6.49 -7.72 -3.86
CA ALA B 44 -7.36 -6.75 -3.17
C ALA B 44 -7.75 -5.62 -4.13
N GLY B 45 -6.87 -5.31 -5.08
CA GLY B 45 -7.24 -4.46 -6.18
C GLY B 45 -8.38 -5.05 -7.02
N LEU B 46 -8.24 -6.32 -7.41
CA LEU B 46 -9.27 -6.94 -8.21
C LEU B 46 -10.57 -6.87 -7.41
N ILE B 47 -10.53 -7.35 -6.18
CA ILE B 47 -11.72 -7.40 -5.35
C ILE B 47 -12.38 -6.01 -5.19
N ILE B 48 -11.58 -5.01 -4.81
CA ILE B 48 -12.17 -3.71 -4.55
C ILE B 48 -12.74 -3.06 -5.83
N GLY B 49 -12.04 -3.16 -6.94
CA GLY B 49 -12.60 -2.68 -8.20
C GLY B 49 -13.96 -3.32 -8.57
N THR B 50 -14.11 -4.62 -8.36
CA THR B 50 -15.33 -5.25 -8.78
C THR B 50 -16.37 -4.82 -7.77
N ALA B 51 -16.04 -4.81 -6.50
CA ALA B 51 -16.99 -4.37 -5.49
C ALA B 51 -17.46 -2.90 -5.65
N LEU B 52 -16.54 -1.99 -5.98
CA LEU B 52 -16.95 -0.61 -6.15
C LEU B 52 -17.94 -0.45 -7.30
N ALA B 53 -17.66 -1.13 -8.40
CA ALA B 53 -18.52 -1.09 -9.56
C ALA B 53 -19.80 -1.81 -9.29
N TYR B 54 -19.75 -2.95 -8.65
CA TYR B 54 -20.94 -3.61 -8.12
C TYR B 54 -21.81 -2.68 -7.26
N PHE B 55 -21.21 -1.93 -6.32
CA PHE B 55 -22.00 -1.02 -5.50
C PHE B 55 -22.60 0.10 -6.32
N LEU B 56 -22.01 0.50 -7.44
CA LEU B 56 -22.66 1.50 -8.30
C LEU B 56 -23.93 0.99 -9.01
N ARG B 57 -24.02 -0.32 -9.15
CA ARG B 57 -25.14 -0.99 -9.73
C ARG B 57 -26.14 -1.43 -8.70
N GLN B 58 -25.84 -1.31 -7.42
CA GLN B 58 -26.70 -1.84 -6.36
C GLN B 58 -26.62 -0.80 -5.32
N PRO B 59 -27.16 0.37 -5.59
CA PRO B 59 -26.98 1.32 -4.52
C PRO B 59 -27.99 1.06 -3.35
N HIS B 60 -28.58 -0.14 -3.23
CA HIS B 60 -29.38 -0.49 -2.10
C HIS B 60 -28.59 -1.46 -1.15
N LEU B 61 -27.30 -1.77 -1.39
CA LEU B 61 -26.55 -2.65 -0.44
C LEU B 61 -26.36 -1.87 0.84
N ASP B 62 -26.65 -2.48 1.98
CA ASP B 62 -26.43 -1.81 3.27
C ASP B 62 -24.96 -1.33 3.34
N PRO B 63 -24.70 -0.07 3.79
CA PRO B 63 -23.29 0.32 3.99
C PRO B 63 -22.43 -0.59 4.91
N PHE B 64 -23.06 -1.39 5.79
CA PHE B 64 -22.42 -2.45 6.51
C PHE B 64 -21.63 -3.35 5.56
N TRP B 65 -22.25 -3.92 4.55
CA TRP B 65 -21.50 -4.80 3.62
C TRP B 65 -20.44 -4.08 2.82
N LYS B 66 -20.69 -2.83 2.49
CA LYS B 66 -19.73 -2.06 1.69
C LYS B 66 -18.47 -1.80 2.49
N LEU B 67 -18.72 -1.39 3.74
CA LEU B 67 -17.70 -1.27 4.76
C LEU B 67 -16.89 -2.58 5.01
N MET B 68 -17.59 -3.71 5.15
CA MET B 68 -16.93 -4.99 5.32
C MET B 68 -16.02 -5.37 4.15
N ILE B 69 -16.42 -5.06 2.93
CA ILE B 69 -15.68 -5.48 1.74
C ILE B 69 -14.48 -4.56 1.48
N THR B 70 -14.64 -3.26 1.73
CA THR B 70 -13.60 -2.28 1.37
C THR B 70 -12.63 -1.98 2.52
N THR B 71 -13.16 -1.37 3.53
CA THR B 71 -12.34 -0.99 4.65
C THR B 71 -11.88 -2.19 5.46
N GLY B 72 -12.59 -3.29 5.42
CA GLY B 72 -12.24 -4.47 6.21
C GLY B 72 -11.48 -5.41 5.35
N LEU B 73 -12.16 -6.18 4.51
CA LEU B 73 -11.51 -7.22 3.70
C LEU B 73 -10.33 -6.71 2.88
N CYS B 74 -10.62 -5.83 1.94
CA CYS B 74 -9.58 -5.32 1.08
C CYS B 74 -8.51 -4.58 1.84
N GLY B 75 -8.91 -3.87 2.89
CA GLY B 75 -7.98 -3.05 3.62
C GLY B 75 -7.06 -3.89 4.45
N GLY B 76 -7.61 -4.90 5.10
CA GLY B 76 -6.81 -5.91 5.79
C GLY B 76 -6.03 -6.83 4.88
N LEU B 77 -6.52 -7.14 3.70
CA LEU B 77 -5.80 -8.00 2.79
C LEU B 77 -4.59 -7.34 2.17
N SER B 78 -4.73 -6.10 1.74
CA SER B 78 -3.67 -5.38 1.06
C SER B 78 -2.76 -4.83 2.17
N THR B 79 -1.58 -4.34 1.82
CA THR B 79 -0.61 -3.90 2.85
C THR B 79 0.38 -2.95 2.18
N PHE B 80 0.57 -1.80 2.81
CA PHE B 80 1.53 -0.83 2.38
C PHE B 80 2.80 -0.91 3.22
N SER B 81 2.64 -1.18 4.51
CA SER B 81 3.72 -1.26 5.44
C SER B 81 4.60 -2.47 5.05
N THR B 82 4.02 -3.63 4.79
CA THR B 82 4.82 -4.73 4.34
C THR B 82 5.55 -4.44 3.04
N PHE B 83 4.84 -3.88 2.08
CA PHE B 83 5.42 -3.47 0.80
C PHE B 83 6.61 -2.53 1.00
N SER B 84 6.50 -1.60 1.94
CA SER B 84 7.51 -0.60 2.08
C SER B 84 8.75 -1.21 2.66
N VAL B 85 8.58 -2.12 3.62
CA VAL B 85 9.67 -2.77 4.29
C VAL B 85 10.47 -3.61 3.28
N GLU B 86 9.77 -4.46 2.52
CA GLU B 86 10.36 -5.23 1.46
C GLU B 86 11.29 -4.37 0.57
N VAL B 87 10.79 -3.20 0.20
CA VAL B 87 11.49 -2.27 -0.68
C VAL B 87 12.62 -1.65 0.06
N PHE B 88 12.36 -1.22 1.29
CA PHE B 88 13.37 -0.64 2.17
C PHE B 88 14.56 -1.60 2.30
N ALA B 89 14.24 -2.86 2.54
CA ALA B 89 15.23 -3.91 2.71
C ALA B 89 16.06 -4.08 1.46
N LEU B 90 15.41 -4.11 0.31
CA LEU B 90 16.15 -4.12 -0.91
C LEU B 90 17.02 -2.87 -1.07
N LEU B 91 16.58 -1.72 -0.59
CA LEU B 91 17.45 -0.55 -0.62
C LEU B 91 18.63 -0.76 0.31
N GLN B 92 18.37 -1.16 1.54
CA GLN B 92 19.39 -1.54 2.47
C GLN B 92 20.42 -2.54 1.87
N ALA B 93 19.97 -3.45 1.02
CA ALA B 93 20.85 -4.45 0.44
C ALA B 93 21.57 -3.88 -0.81
N GLY B 94 21.40 -2.58 -1.04
CA GLY B 94 21.77 -1.95 -2.28
C GLY B 94 21.13 -2.44 -3.57
N ASN B 95 20.08 -3.24 -3.50
CA ASN B 95 19.53 -3.85 -4.70
C ASN B 95 18.50 -2.87 -5.25
N TYR B 96 18.99 -1.78 -5.89
CA TYR B 96 18.12 -0.63 -6.36
C TYR B 96 17.22 -0.97 -7.49
N ILE B 97 17.67 -1.88 -8.33
CA ILE B 97 16.93 -2.24 -9.54
C ILE B 97 15.61 -2.91 -9.14
N TRP B 98 15.67 -3.80 -8.18
CA TRP B 98 14.43 -4.46 -7.71
C TRP B 98 13.65 -3.66 -6.74
N ALA B 99 14.31 -2.71 -6.06
CA ALA B 99 13.58 -1.77 -5.24
C ALA B 99 12.59 -0.96 -6.12
N LEU B 100 13.12 -0.34 -7.17
CA LEU B 100 12.34 0.32 -8.21
C LEU B 100 11.31 -0.58 -8.90
N THR B 101 11.70 -1.73 -9.44
CA THR B 101 10.73 -2.70 -10.02
C THR B 101 9.64 -3.04 -9.08
N SER B 102 9.97 -3.25 -7.83
CA SER B 102 8.93 -3.60 -6.86
C SER B 102 7.87 -2.48 -6.68
N VAL B 103 8.25 -1.19 -6.68
CA VAL B 103 7.23 -0.15 -6.57
C VAL B 103 6.41 -0.06 -7.87
N LEU B 104 7.04 -0.23 -9.02
CA LEU B 104 6.32 -0.12 -10.27
C LEU B 104 5.32 -1.27 -10.36
N VAL B 105 5.77 -2.51 -10.09
CA VAL B 105 4.91 -3.69 -10.16
C VAL B 105 3.80 -3.63 -9.11
N HIS B 106 4.08 -3.16 -7.91
CA HIS B 106 2.96 -3.07 -6.95
C HIS B 106 1.94 -1.97 -7.33
N VAL B 107 2.40 -0.73 -7.68
CA VAL B 107 1.46 0.32 -7.94
C VAL B 107 0.75 0.11 -9.28
N ILE B 108 1.54 -0.18 -10.31
CA ILE B 108 1.00 -0.31 -11.65
C ILE B 108 0.21 -1.59 -11.71
N GLY B 109 0.74 -2.63 -11.11
CA GLY B 109 -0.05 -3.86 -10.98
C GLY B 109 -1.43 -3.65 -10.38
N SER B 110 -1.49 -2.98 -9.23
CA SER B 110 -2.78 -2.80 -8.51
C SER B 110 -3.75 -1.89 -9.22
N LEU B 111 -3.25 -0.87 -9.93
CA LEU B 111 -4.11 -0.02 -10.74
C LEU B 111 -4.73 -0.86 -11.85
N ILE B 112 -3.91 -1.57 -12.62
CA ILE B 112 -4.44 -2.45 -13.64
C ILE B 112 -5.56 -3.33 -13.02
N MET B 113 -5.29 -3.94 -11.87
CA MET B 113 -6.27 -4.90 -11.28
C MET B 113 -7.55 -4.27 -10.78
N THR B 114 -7.45 -3.10 -10.19
CA THR B 114 -8.64 -2.35 -9.76
C THR B 114 -9.44 -1.91 -11.01
N ALA B 115 -8.76 -1.42 -12.05
CA ALA B 115 -9.43 -1.06 -13.28
C ALA B 115 -10.06 -2.29 -13.91
N LEU B 116 -9.35 -3.40 -13.98
CA LEU B 116 -9.90 -4.63 -14.58
C LEU B 116 -11.11 -5.09 -13.81
N GLY B 117 -11.00 -5.10 -12.49
CA GLY B 117 -12.14 -5.45 -11.65
C GLY B 117 -13.37 -4.56 -11.84
N PHE B 118 -13.14 -3.25 -11.89
CA PHE B 118 -14.17 -2.23 -12.12
C PHE B 118 -14.77 -2.33 -13.53
N PHE B 119 -13.94 -2.45 -14.56
CA PHE B 119 -14.47 -2.48 -15.92
C PHE B 119 -15.08 -3.81 -16.34
N ILE B 120 -14.59 -4.95 -15.84
CA ILE B 120 -15.21 -6.23 -16.22
C ILE B 120 -16.57 -6.40 -15.56
N ILE B 121 -16.86 -5.58 -14.54
CA ILE B 121 -18.19 -5.64 -13.94
C ILE B 121 -19.11 -4.54 -14.52
N THR B 122 -18.50 -3.43 -14.96
CA THR B 122 -19.20 -2.34 -15.66
C THR B 122 -19.64 -2.79 -17.04
N ILE B 123 -18.78 -3.45 -17.82
CA ILE B 123 -19.21 -4.09 -19.10
C ILE B 123 -20.31 -5.17 -18.87
N LEU B 124 -20.21 -5.91 -17.75
CA LEU B 124 -21.26 -6.90 -17.36
C LEU B 124 -22.69 -6.34 -17.01
N PHE B 125 -22.81 -5.09 -16.56
CA PHE B 125 -24.12 -4.41 -16.24
C PHE B 125 -24.86 -4.90 -14.94
N SER C 1 -18.46 21.80 4.48
CA SER C 1 -16.99 21.80 4.22
C SER C 1 -16.66 20.80 3.14
N VAL C 2 -17.41 19.70 2.99
CA VAL C 2 -17.22 18.81 1.85
C VAL C 2 -18.19 19.20 0.74
N SER C 3 -17.64 19.43 -0.42
CA SER C 3 -18.45 19.79 -1.54
C SER C 3 -18.71 18.60 -2.47
N SER C 4 -19.81 17.84 -2.42
CA SER C 4 -20.15 16.82 -3.48
C SER C 4 -21.27 17.20 -4.45
N VAL C 5 -21.80 18.40 -4.28
CA VAL C 5 -22.89 18.82 -5.21
C VAL C 5 -22.34 19.87 -6.11
N PRO C 6 -22.66 19.83 -7.40
CA PRO C 6 -22.20 20.96 -8.17
C PRO C 6 -22.95 22.17 -7.74
N THR C 7 -22.41 23.30 -8.10
CA THR C 7 -22.98 24.56 -7.73
C THR C 7 -23.03 25.34 -9.04
N LYS C 8 -23.83 26.39 -9.04
CA LYS C 8 -23.95 27.31 -10.14
C LYS C 8 -24.18 26.59 -11.47
N LEU C 9 -25.19 25.74 -11.56
CA LEU C 9 -25.53 25.12 -12.83
C LEU C 9 -26.28 26.14 -13.60
N GLU C 10 -25.89 26.39 -14.84
CA GLU C 10 -26.58 27.34 -15.68
C GLU C 10 -26.48 27.09 -17.17
N VAL C 11 -27.49 27.54 -17.91
CA VAL C 11 -27.39 27.58 -19.38
C VAL C 11 -26.58 28.81 -19.75
N VAL C 12 -25.50 28.64 -20.49
CA VAL C 12 -24.55 29.73 -20.78
C VAL C 12 -24.67 30.13 -22.23
N ALA C 13 -25.09 29.19 -23.10
CA ALA C 13 -25.47 29.46 -24.49
C ALA C 13 -26.64 28.59 -24.89
N ALA C 14 -27.43 29.08 -25.85
CA ALA C 14 -28.56 28.29 -26.30
C ALA C 14 -29.05 28.55 -27.74
N THR C 15 -29.41 27.50 -28.48
CA THR C 15 -30.30 27.54 -29.69
C THR C 15 -31.74 27.40 -29.15
N PRO C 16 -32.75 27.46 -30.00
CA PRO C 16 -34.07 26.90 -29.63
C PRO C 16 -34.11 25.43 -29.37
N THR C 17 -33.02 24.75 -29.64
CA THR C 17 -32.97 23.32 -29.83
C THR C 17 -31.84 22.71 -29.08
N SER C 18 -30.89 23.51 -28.61
CA SER C 18 -29.69 22.96 -27.96
C SER C 18 -29.18 23.95 -26.91
N LEU C 19 -28.41 23.43 -25.97
CA LEU C 19 -28.10 24.12 -24.73
C LEU C 19 -26.68 23.88 -24.43
N LEU C 20 -25.98 24.86 -23.89
CA LEU C 20 -24.65 24.63 -23.30
C LEU C 20 -24.75 24.96 -21.82
N ILE C 21 -24.55 23.94 -21.00
CA ILE C 21 -24.63 24.12 -19.58
C ILE C 21 -23.26 24.00 -19.01
N SER C 22 -23.04 24.77 -17.96
CA SER C 22 -21.88 24.65 -17.15
C SER C 22 -22.34 24.58 -15.67
N TRP C 23 -21.48 23.98 -14.85
CA TRP C 23 -21.61 24.02 -13.42
C TRP C 23 -20.23 24.16 -12.89
N ASP C 24 -20.12 24.39 -11.59
CA ASP C 24 -18.88 24.47 -10.87
C ASP C 24 -18.66 23.17 -10.17
N ALA C 25 -17.50 22.52 -10.36
CA ALA C 25 -17.31 21.15 -9.82
C ALA C 25 -17.19 21.23 -8.33
N PRO C 26 -17.62 20.20 -7.63
CA PRO C 26 -17.35 20.12 -6.23
C PRO C 26 -15.88 19.71 -5.96
N ALA C 27 -15.37 20.08 -4.76
CA ALA C 27 -14.19 19.56 -4.09
C ALA C 27 -13.86 18.13 -4.41
N VAL C 28 -14.77 17.23 -4.25
CA VAL C 28 -14.41 15.82 -4.37
C VAL C 28 -13.91 15.36 -5.79
N THR C 29 -13.37 14.15 -5.83
CA THR C 29 -12.91 13.56 -7.07
C THR C 29 -14.02 12.94 -7.85
N VAL C 30 -14.35 13.57 -8.97
CA VAL C 30 -15.52 13.17 -9.71
C VAL C 30 -15.04 12.30 -10.86
N ILE C 31 -15.62 11.13 -10.97
CA ILE C 31 -15.20 10.23 -12.07
C ILE C 31 -16.06 10.48 -13.28
N PHE C 32 -17.34 10.71 -13.07
CA PHE C 32 -18.16 11.30 -14.14
C PHE C 32 -19.36 12.06 -13.59
N TYR C 33 -19.83 13.05 -14.36
CA TYR C 33 -21.10 13.67 -14.09
C TYR C 33 -22.22 12.94 -14.86
N VAL C 34 -23.39 12.90 -14.26
CA VAL C 34 -24.58 12.42 -14.92
C VAL C 34 -25.44 13.62 -15.25
N ILE C 35 -25.81 13.73 -16.54
CA ILE C 35 -26.71 14.73 -17.01
C ILE C 35 -28.07 14.17 -17.41
N THR C 36 -29.10 14.77 -16.89
CA THR C 36 -30.45 14.34 -17.10
C THR C 36 -31.27 15.50 -17.52
N TYR C 37 -32.11 15.29 -18.53
CA TYR C 37 -33.03 16.30 -18.93
C TYR C 37 -34.34 15.72 -19.51
N GLY C 38 -35.37 16.56 -19.46
CA GLY C 38 -36.66 16.17 -19.97
C GLY C 38 -37.62 17.31 -19.81
N GLU C 39 -38.75 17.19 -20.47
CA GLU C 39 -39.75 18.23 -20.45
C GLU C 39 -40.37 18.35 -19.09
N THR C 40 -40.37 19.54 -18.50
CA THR C 40 -40.89 19.81 -17.18
C THR C 40 -42.33 19.30 -16.94
N GLY C 41 -43.17 19.30 -17.92
CA GLY C 41 -44.44 18.61 -17.63
C GLY C 41 -44.37 17.16 -17.03
N GLY C 42 -43.58 16.30 -17.67
CA GLY C 42 -43.65 14.84 -17.58
C GLY C 42 -44.14 14.21 -18.87
N ASN C 43 -44.25 14.99 -19.94
CA ASN C 43 -44.94 14.60 -21.20
C ASN C 43 -44.20 13.65 -22.12
N SER C 44 -42.86 13.61 -21.99
CA SER C 44 -41.97 12.81 -22.79
C SER C 44 -40.99 12.17 -21.82
N PRO C 45 -40.37 11.05 -22.21
CA PRO C 45 -39.44 10.45 -21.29
C PRO C 45 -38.25 11.34 -21.11
N VAL C 46 -37.44 10.88 -20.20
CA VAL C 46 -36.28 11.60 -19.71
C VAL C 46 -35.00 11.00 -20.31
N GLN C 47 -34.12 11.86 -20.72
CA GLN C 47 -32.88 11.51 -21.32
C GLN C 47 -31.74 11.74 -20.37
N GLU C 48 -30.68 10.98 -20.56
CA GLU C 48 -29.60 10.91 -19.56
C GLU C 48 -28.31 10.58 -20.24
N PHE C 49 -27.25 11.28 -19.96
CA PHE C 49 -25.92 10.93 -20.46
C PHE C 49 -24.91 11.28 -19.41
N THR C 50 -23.64 10.91 -19.68
CA THR C 50 -22.55 11.26 -18.75
C THR C 50 -21.50 12.02 -19.42
N VAL C 51 -20.68 12.63 -18.60
CA VAL C 51 -19.61 13.50 -19.02
C VAL C 51 -18.43 13.12 -18.14
N PRO C 52 -17.23 13.17 -18.70
CA PRO C 52 -16.11 12.81 -17.82
C PRO C 52 -15.96 13.79 -16.68
N GLY C 53 -15.46 13.32 -15.56
CA GLY C 53 -15.33 14.15 -14.38
C GLY C 53 -14.38 15.32 -14.57
N SER C 54 -13.58 15.28 -15.61
CA SER C 54 -12.68 16.36 -15.95
C SER C 54 -13.40 17.55 -16.51
N LYS C 55 -14.61 17.35 -17.02
CA LYS C 55 -15.39 18.39 -17.75
C LYS C 55 -16.41 18.95 -16.82
N SER C 56 -16.60 20.27 -16.85
CA SER C 56 -17.65 20.97 -16.05
C SER C 56 -18.63 21.73 -16.98
N THR C 57 -18.80 21.19 -18.18
CA THR C 57 -19.85 21.61 -19.10
C THR C 57 -20.38 20.42 -19.92
N ALA C 58 -21.51 20.68 -20.54
CA ALA C 58 -22.14 19.73 -21.38
C ALA C 58 -23.04 20.47 -22.35
N THR C 59 -23.23 19.87 -23.51
CA THR C 59 -24.31 20.30 -24.40
C THR C 59 -25.53 19.35 -24.41
N ILE C 60 -26.72 19.90 -24.60
CA ILE C 60 -27.93 19.16 -24.72
C ILE C 60 -28.57 19.48 -26.06
N SER C 61 -28.91 18.47 -26.89
CA SER C 61 -29.41 18.66 -28.27
C SER C 61 -30.78 18.13 -28.58
N GLY C 62 -31.29 18.54 -29.71
CA GLY C 62 -32.57 18.09 -30.17
C GLY C 62 -33.75 18.41 -29.28
N LEU C 63 -33.67 19.48 -28.54
CA LEU C 63 -34.83 19.88 -27.81
C LEU C 63 -35.87 20.55 -28.73
N LYS C 64 -37.08 20.62 -28.22
CA LYS C 64 -38.20 21.20 -28.92
C LYS C 64 -38.21 22.70 -28.56
N PRO C 65 -38.37 23.56 -29.57
CA PRO C 65 -38.45 24.98 -29.31
C PRO C 65 -39.65 25.37 -28.47
N GLY C 66 -39.42 26.23 -27.50
CA GLY C 66 -40.49 26.78 -26.74
C GLY C 66 -41.05 25.92 -25.65
N VAL C 67 -40.35 24.87 -25.29
CA VAL C 67 -40.78 23.92 -24.27
C VAL C 67 -39.93 24.15 -23.04
N ASP C 68 -40.55 24.04 -21.84
CA ASP C 68 -39.82 24.10 -20.55
C ASP C 68 -39.15 22.75 -20.34
N TYR C 69 -37.85 22.74 -20.06
CA TYR C 69 -37.11 21.55 -19.73
C TYR C 69 -36.63 21.68 -18.29
N THR C 70 -36.49 20.54 -17.65
CA THR C 70 -35.78 20.42 -16.39
C THR C 70 -34.43 19.69 -16.63
N ILE C 71 -33.34 20.34 -16.20
CA ILE C 71 -31.98 19.83 -16.39
C ILE C 71 -31.37 19.62 -15.05
N THR C 72 -30.70 18.49 -14.89
CA THR C 72 -30.17 18.01 -13.63
C THR C 72 -28.76 17.48 -13.83
N VAL C 73 -27.84 17.84 -12.98
CA VAL C 73 -26.49 17.28 -12.98
C VAL C 73 -26.13 16.74 -11.59
N TYR C 74 -25.53 15.57 -11.52
CA TYR C 74 -24.97 15.06 -10.27
C TYR C 74 -23.64 14.42 -10.57
N ALA C 75 -22.78 14.40 -9.56
CA ALA C 75 -21.47 13.77 -9.66
C ALA C 75 -21.52 12.30 -9.25
N THR C 76 -20.90 11.41 -10.02
CA THR C 76 -20.46 10.10 -9.49
C THR C 76 -19.02 10.33 -9.03
N TYR C 77 -18.80 10.21 -7.73
CA TYR C 77 -17.55 10.63 -7.10
C TYR C 77 -16.99 9.58 -6.14
N TYR C 78 -15.68 9.71 -5.82
CA TYR C 78 -15.06 8.75 -4.86
C TYR C 78 -15.17 9.38 -3.48
N ALA C 79 -15.96 8.78 -2.61
CA ALA C 79 -16.02 9.21 -1.23
C ALA C 79 -14.83 8.70 -0.49
N SER C 80 -13.80 9.53 -0.37
CA SER C 80 -12.60 9.10 0.29
C SER C 80 -12.83 8.78 1.73
N ASN C 81 -13.87 9.30 2.31
CA ASN C 81 -14.21 9.03 3.70
C ASN C 81 -14.83 7.67 3.91
N SER C 82 -15.36 7.05 2.87
CA SER C 82 -15.98 5.75 3.09
C SER C 82 -15.36 4.58 2.29
N GLY C 83 -14.71 4.92 1.20
CA GLY C 83 -13.92 3.99 0.44
C GLY C 83 -14.59 3.37 -0.76
N TRP C 84 -15.72 3.95 -1.18
CA TRP C 84 -16.41 3.57 -2.38
C TRP C 84 -16.89 4.77 -3.15
N TYR C 85 -17.43 4.53 -4.34
CA TYR C 85 -17.97 5.63 -5.17
C TYR C 85 -19.39 5.83 -4.77
N GLU C 86 -19.88 7.00 -5.07
CA GLU C 86 -21.16 7.45 -4.59
C GLU C 86 -21.77 8.30 -5.70
N TYR C 87 -23.08 8.15 -5.89
CA TYR C 87 -23.79 9.05 -6.82
C TYR C 87 -24.21 10.23 -5.98
N GLY C 88 -23.58 11.38 -6.13
CA GLY C 88 -23.95 12.60 -5.38
C GLY C 88 -25.35 13.16 -5.63
N SER C 89 -25.81 13.94 -4.67
CA SER C 89 -27.03 14.63 -4.85
C SER C 89 -26.94 15.66 -5.98
N PRO C 90 -28.07 15.89 -6.65
CA PRO C 90 -28.06 16.69 -7.83
C PRO C 90 -28.36 18.16 -7.61
N ILE C 91 -27.98 18.95 -8.61
CA ILE C 91 -28.40 20.32 -8.76
C ILE C 91 -29.27 20.38 -10.03
N SER C 92 -30.36 21.15 -9.97
CA SER C 92 -31.32 21.20 -11.07
C SER C 92 -31.80 22.56 -11.43
N ILE C 93 -32.14 22.71 -12.71
CA ILE C 93 -32.70 23.93 -13.21
C ILE C 93 -33.81 23.72 -14.20
N ASN C 94 -34.65 24.71 -14.35
CA ASN C 94 -35.63 24.71 -15.40
C ASN C 94 -35.07 25.62 -16.49
N TYR C 95 -35.34 25.32 -17.76
CA TYR C 95 -35.07 26.28 -18.86
C TYR C 95 -36.04 26.09 -19.99
N ARG C 96 -36.59 27.19 -20.47
CA ARG C 96 -37.46 27.18 -21.67
C ARG C 96 -36.65 27.46 -22.91
N THR C 97 -36.64 26.58 -23.88
CA THR C 97 -36.08 26.93 -25.17
C THR C 97 -37.06 27.82 -25.86
N SER D 3 17.08 -21.17 2.90
CA SER D 3 18.43 -21.11 3.51
C SER D 3 19.06 -19.70 3.42
N SER D 4 19.47 -19.26 4.60
CA SER D 4 19.97 -17.89 4.89
C SER D 4 21.47 -17.89 5.33
N VAL D 5 22.17 -18.93 4.93
CA VAL D 5 23.56 -19.06 5.30
C VAL D 5 24.43 -18.71 4.11
N PRO D 6 25.53 -17.95 4.32
CA PRO D 6 26.35 -17.77 3.16
C PRO D 6 26.93 -19.10 2.81
N THR D 7 27.49 -19.17 1.62
CA THR D 7 28.21 -20.36 1.23
C THR D 7 29.56 -19.84 0.81
N LYS D 8 30.50 -20.78 0.74
CA LYS D 8 31.79 -20.51 0.16
C LYS D 8 32.44 -19.28 0.82
N LEU D 9 32.56 -19.27 2.13
CA LEU D 9 33.31 -18.22 2.79
C LEU D 9 34.77 -18.60 2.61
N GLU D 10 35.62 -17.65 2.20
CA GLU D 10 36.99 -17.94 1.99
C GLU D 10 37.91 -16.74 1.84
N VAL D 11 39.18 -16.94 2.15
CA VAL D 11 40.20 -15.90 2.01
C VAL D 11 40.63 -15.83 0.56
N VAL D 12 40.54 -14.63 -0.04
CA VAL D 12 40.81 -14.44 -1.46
C VAL D 12 42.13 -13.67 -1.66
N ALA D 13 42.52 -12.84 -0.67
CA ALA D 13 43.81 -12.12 -0.60
C ALA D 13 44.29 -12.01 0.82
N ALA D 14 45.60 -11.94 1.00
CA ALA D 14 46.12 -11.89 2.38
C ALA D 14 47.53 -11.27 2.53
N THR D 15 47.72 -10.35 3.49
CA THR D 15 49.02 -9.92 4.09
C THR D 15 49.34 -10.91 5.22
N PRO D 16 50.49 -10.76 5.91
CA PRO D 16 50.59 -11.51 7.20
C PRO D 16 49.71 -10.99 8.31
N THR D 17 49.08 -9.85 8.07
CA THR D 17 48.43 -9.05 9.07
C THR D 17 47.00 -8.72 8.68
N SER D 18 46.64 -8.93 7.41
CA SER D 18 45.32 -8.58 6.94
C SER D 18 44.79 -9.62 5.94
N LEU D 19 43.47 -9.65 5.81
CA LEU D 19 42.76 -10.68 5.10
C LEU D 19 41.74 -9.99 4.24
N LEU D 20 41.49 -10.51 3.04
CA LEU D 20 40.31 -10.16 2.26
C LEU D 20 39.47 -11.46 2.15
N ILE D 21 38.27 -11.41 2.68
CA ILE D 21 37.40 -12.57 2.62
C ILE D 21 36.27 -12.21 1.69
N SER D 22 35.75 -13.26 1.03
CA SER D 22 34.52 -13.20 0.33
C SER D 22 33.65 -14.40 0.71
N TRP D 23 32.33 -14.23 0.52
CA TRP D 23 31.38 -15.32 0.62
C TRP D 23 30.36 -15.09 -0.47
N ASP D 24 29.50 -16.07 -0.69
CA ASP D 24 28.41 -15.98 -1.63
C ASP D 24 27.13 -15.70 -0.86
N ALA D 25 26.36 -14.69 -1.26
CA ALA D 25 25.11 -14.39 -0.54
C ALA D 25 24.11 -15.51 -0.61
N PRO D 26 23.28 -15.66 0.39
CA PRO D 26 22.11 -16.49 0.27
C PRO D 26 21.02 -15.82 -0.58
N ALA D 27 20.13 -16.63 -1.16
CA ALA D 27 18.82 -16.21 -1.74
C ALA D 27 18.17 -14.98 -1.13
N VAL D 28 17.98 -15.01 0.16
CA VAL D 28 17.28 -13.95 0.84
C VAL D 28 17.88 -12.50 0.77
N THR D 29 17.09 -11.52 1.17
CA THR D 29 17.53 -10.13 1.12
C THR D 29 18.32 -9.75 2.30
N VAL D 30 19.62 -9.55 2.14
CA VAL D 30 20.49 -9.37 3.31
C VAL D 30 20.70 -7.89 3.54
N ILE D 31 20.43 -7.46 4.76
CA ILE D 31 20.55 -6.04 5.05
C ILE D 31 21.93 -5.75 5.56
N PHE D 32 22.47 -6.63 6.38
CA PHE D 32 23.93 -6.61 6.61
C PHE D 32 24.49 -7.96 6.98
N TYR D 33 25.76 -8.17 6.65
CA TYR D 33 26.49 -9.35 7.19
C TYR D 33 27.23 -8.99 8.46
N VAL D 34 27.30 -9.97 9.36
CA VAL D 34 28.11 -9.84 10.56
C VAL D 34 29.34 -10.69 10.37
N ILE D 35 30.51 -10.07 10.56
CA ILE D 35 31.79 -10.77 10.51
C ILE D 35 32.45 -10.86 11.90
N THR D 36 32.83 -12.06 12.25
CA THR D 36 33.50 -12.34 13.50
C THR D 36 34.81 -13.03 13.19
N TYR D 37 35.83 -12.63 13.90
CA TYR D 37 37.09 -13.33 13.85
C TYR D 37 37.87 -13.27 15.17
N GLY D 38 38.70 -14.26 15.38
CA GLY D 38 39.47 -14.34 16.61
C GLY D 38 40.39 -15.52 16.49
N GLU D 39 41.37 -15.56 17.38
CA GLU D 39 42.37 -16.61 17.32
C GLU D 39 41.76 -17.94 17.65
N THR D 40 41.92 -18.92 16.78
CA THR D 40 41.45 -20.30 17.03
C THR D 40 41.98 -20.87 18.32
N GLY D 41 43.01 -20.23 18.87
CA GLY D 41 43.47 -20.55 20.23
C GLY D 41 42.36 -20.75 21.25
N GLY D 42 41.49 -19.73 21.37
CA GLY D 42 40.37 -19.64 22.32
C GLY D 42 40.74 -18.72 23.48
N ASN D 43 41.90 -18.02 23.44
CA ASN D 43 42.34 -17.16 24.55
C ASN D 43 42.38 -15.65 24.34
N SER D 44 42.05 -15.19 23.17
CA SER D 44 41.99 -13.76 22.96
C SER D 44 40.57 -13.44 22.56
N PRO D 45 40.10 -12.22 22.87
CA PRO D 45 38.80 -11.87 22.49
C PRO D 45 38.62 -11.94 21.00
N VAL D 46 37.36 -12.00 20.63
CA VAL D 46 36.89 -12.17 19.31
C VAL D 46 36.29 -10.82 18.89
N GLN D 47 36.61 -10.44 17.67
CA GLN D 47 36.30 -9.15 17.13
C GLN D 47 35.17 -9.31 16.10
N GLU D 48 34.40 -8.27 15.94
CA GLU D 48 33.15 -8.40 15.22
C GLU D 48 32.87 -7.07 14.52
N PHE D 49 32.57 -7.12 13.25
CA PHE D 49 32.06 -5.95 12.57
C PHE D 49 30.99 -6.35 11.58
N THR D 50 30.37 -5.34 10.96
CA THR D 50 29.34 -5.58 9.95
C THR D 50 29.68 -4.94 8.65
N VAL D 51 28.98 -5.40 7.65
CA VAL D 51 29.15 -4.87 6.31
C VAL D 51 27.76 -4.77 5.74
N PRO D 52 27.53 -3.74 4.91
CA PRO D 52 26.25 -3.71 4.27
C PRO D 52 25.99 -4.94 3.40
N GLY D 53 24.72 -5.28 3.31
CA GLY D 53 24.27 -6.42 2.56
C GLY D 53 24.55 -6.29 1.07
N SER D 54 24.89 -5.10 0.59
CA SER D 54 25.36 -4.93 -0.76
C SER D 54 26.69 -5.57 -1.05
N LYS D 55 27.51 -5.75 -0.01
CA LYS D 55 28.84 -6.30 -0.13
C LYS D 55 28.90 -7.77 0.31
N SER D 56 29.60 -8.55 -0.49
CA SER D 56 29.89 -9.98 -0.23
C SER D 56 31.44 -10.19 -0.06
N THR D 57 32.10 -9.13 0.42
CA THR D 57 33.48 -9.21 0.87
C THR D 57 33.73 -8.26 2.04
N ALA D 58 34.84 -8.54 2.70
CA ALA D 58 35.27 -7.77 3.82
C ALA D 58 36.75 -7.94 4.00
N THR D 59 37.36 -6.87 4.52
CA THR D 59 38.77 -6.96 4.90
C THR D 59 38.93 -6.97 6.46
N ILE D 60 39.90 -7.69 6.96
CA ILE D 60 40.17 -7.86 8.38
C ILE D 60 41.65 -7.43 8.57
N SER D 61 41.92 -6.52 9.53
CA SER D 61 43.28 -5.99 9.79
C SER D 61 43.88 -6.28 11.16
N GLY D 62 45.16 -5.98 11.29
CA GLY D 62 45.83 -6.13 12.52
C GLY D 62 45.91 -7.53 13.08
N LEU D 63 45.89 -8.53 12.23
CA LEU D 63 46.16 -9.86 12.74
C LEU D 63 47.67 -10.07 13.04
N LYS D 64 47.92 -11.11 13.80
CA LYS D 64 49.27 -11.45 14.17
C LYS D 64 49.75 -12.44 13.11
N PRO D 65 50.99 -12.24 12.62
CA PRO D 65 51.55 -13.16 11.63
C PRO D 65 51.72 -14.58 12.21
N GLY D 66 51.32 -15.56 11.43
CA GLY D 66 51.50 -16.93 11.76
C GLY D 66 50.52 -17.52 12.70
N VAL D 67 49.40 -16.85 12.96
CA VAL D 67 48.42 -17.32 13.95
C VAL D 67 47.21 -17.87 13.22
N ASP D 68 46.61 -18.95 13.75
CA ASP D 68 45.34 -19.51 13.23
C ASP D 68 44.17 -18.65 13.68
N TYR D 69 43.35 -18.21 12.75
CA TYR D 69 42.14 -17.43 13.03
C TYR D 69 40.96 -18.25 12.60
N THR D 70 39.89 -18.11 13.38
CA THR D 70 38.59 -18.61 12.98
C THR D 70 37.71 -17.41 12.58
N ILE D 71 37.23 -17.44 11.32
CA ILE D 71 36.43 -16.38 10.76
C ILE D 71 35.06 -16.94 10.48
N THR D 72 34.05 -16.16 10.80
CA THR D 72 32.68 -16.56 10.74
C THR D 72 31.86 -15.42 10.14
N VAL D 73 30.93 -15.75 9.24
CA VAL D 73 29.98 -14.75 8.72
C VAL D 73 28.57 -15.22 8.89
N TYR D 74 27.64 -14.34 9.23
CA TYR D 74 26.21 -14.66 9.17
C TYR D 74 25.48 -13.49 8.62
N ALA D 75 24.33 -13.78 8.01
CA ALA D 75 23.50 -12.69 7.44
C ALA D 75 22.48 -12.16 8.38
N THR D 76 22.31 -10.85 8.46
CA THR D 76 21.04 -10.25 9.01
C THR D 76 20.18 -9.99 7.82
N TYR D 77 19.06 -10.68 7.71
CA TYR D 77 18.23 -10.68 6.48
C TYR D 77 16.76 -10.46 6.72
N TYR D 78 16.05 -10.10 5.65
CA TYR D 78 14.58 -9.88 5.72
C TYR D 78 13.91 -11.19 5.40
N ALA D 79 13.26 -11.79 6.40
CA ALA D 79 12.47 -12.98 6.15
C ALA D 79 11.14 -12.51 5.57
N SER D 80 11.03 -12.53 4.26
CA SER D 80 9.85 -12.14 3.58
C SER D 80 8.67 -13.00 3.96
N ASN D 81 8.94 -14.22 4.40
CA ASN D 81 7.87 -15.12 4.82
C ASN D 81 7.29 -14.77 6.19
N SER D 82 7.98 -14.00 6.99
CA SER D 82 7.42 -13.67 8.32
C SER D 82 7.20 -12.14 8.58
N GLY D 83 7.96 -11.33 7.86
CA GLY D 83 7.76 -9.91 7.84
C GLY D 83 8.63 -9.10 8.76
N TRP D 84 9.68 -9.71 9.28
CA TRP D 84 10.69 -9.05 10.06
C TRP D 84 12.07 -9.54 9.70
N TYR D 85 13.10 -8.95 10.29
CA TYR D 85 14.49 -9.36 10.00
C TYR D 85 14.87 -10.46 10.94
N GLU D 86 15.91 -11.13 10.59
CA GLU D 86 16.31 -12.34 11.28
C GLU D 86 17.83 -12.45 11.15
N TYR D 87 18.45 -13.12 12.10
CA TYR D 87 19.89 -13.38 12.07
C TYR D 87 20.04 -14.76 11.49
N GLY D 88 20.74 -14.90 10.40
CA GLY D 88 21.01 -16.23 9.78
C GLY D 88 22.01 -17.09 10.54
N SER D 89 21.98 -18.34 10.17
CA SER D 89 23.00 -19.26 10.65
C SER D 89 24.37 -18.89 10.12
N PRO D 90 25.42 -19.17 10.91
CA PRO D 90 26.76 -18.76 10.49
C PRO D 90 27.51 -19.84 9.73
N ILE D 91 28.51 -19.41 9.00
CA ILE D 91 29.40 -20.28 8.25
C ILE D 91 30.81 -19.89 8.69
N SER D 92 31.70 -20.87 8.85
CA SER D 92 33.04 -20.60 9.40
C SER D 92 34.20 -21.19 8.63
N ILE D 93 35.33 -20.52 8.79
CA ILE D 93 36.57 -21.04 8.29
C ILE D 93 37.71 -20.81 9.23
N ASN D 94 38.69 -21.66 9.13
CA ASN D 94 39.92 -21.48 9.87
C ASN D 94 40.92 -20.94 8.86
N TYR D 95 41.82 -20.05 9.25
CA TYR D 95 42.85 -19.55 8.34
C TYR D 95 44.06 -19.11 9.14
N ARG D 96 45.24 -19.63 8.75
CA ARG D 96 46.49 -19.26 9.37
C ARG D 96 47.09 -18.14 8.53
N THR D 97 47.35 -17.03 9.17
CA THR D 97 48.07 -15.94 8.55
C THR D 97 49.52 -16.39 8.44
F F E . -4.11 -2.93 -3.96
F F F . 3.59 2.04 5.03
F F G . -4.21 7.98 -2.39
NA NA H . -3.81 -3.48 5.11
F F I . 7.27 -5.59 -2.09
#